data_8GPD
#
_entry.id   8GPD
#
_cell.length_a   39.140
_cell.length_b   79.050
_cell.length_c   134.280
_cell.angle_alpha   90.000
_cell.angle_beta   90.000
_cell.angle_gamma   90.000
#
_symmetry.space_group_name_H-M   'P 21 21 21'
#
loop_
_entity.id
_entity.type
_entity.pdbx_description
1 polymer 'Metallo beta lactamase NDM-1'
2 non-polymer 'ZINC ION'
3 non-polymer '(2R,4S)-5,5-dimethyl-2-[(1R)-2-oxidanyl-2-oxidanylidene-1-(2-phenoxyethanoylamino)ethyl]-1,3-thiazolidine-4-carboxylic acid'
4 non-polymer 'POTASSIUM ION'
5 water water
#
_entity_poly.entity_id   1
_entity_poly.type   'polypeptide(L)'
_entity_poly.pdbx_seq_one_letter_code
;MELPNIMHPVAKLSTALAAALMLSGCMPGEIRPTIGQQMETGDQRFGDLVFRQLAPNVWQHTSYLDMPGFGAVASNGLIV
RDGGRVLVVDTAWTDDQTAQILNWIKQEINLPVALAVVTHAHQDKMGGMDALHAAGIATYANALSNQLAPQEGMVAAQHS
LTFAANGWVEPATAPNFGPLKVFYPGPGHTSDNITVGIDGTDIAFGGCLIKDSKAKSLGNLGDADTEHYAASARAFGAAF
PKASMIVMSHSAPDSRAAITHTARMADKLR
;
_entity_poly.pdbx_strand_id   A,B
#
loop_
_chem_comp.id
_chem_comp.type
_chem_comp.name
_chem_comp.formula
JXF non-polymer '(2R,4S)-5,5-dimethyl-2-[(1R)-2-oxidanyl-2-oxidanylidene-1-(2-phenoxyethanoylamino)ethyl]-1,3-thiazolidine-4-carboxylic acid' 'C16 H20 N2 O6 S'
K non-polymer 'POTASSIUM ION' 'K 1'
ZN non-polymer 'ZINC ION' 'Zn 2'
#
# COMPACT_ATOMS: atom_id res chain seq x y z
N ILE A 31 -9.28 -12.19 -6.41
CA ILE A 31 -8.35 -11.06 -6.45
C ILE A 31 -8.44 -10.21 -5.18
N ARG A 32 -7.33 -10.15 -4.44
CA ARG A 32 -7.26 -9.45 -3.16
C ARG A 32 -6.02 -8.57 -3.18
N PRO A 33 -6.13 -7.34 -3.68
CA PRO A 33 -4.94 -6.51 -3.85
C PRO A 33 -4.36 -6.08 -2.52
N THR A 34 -3.03 -5.92 -2.53
CA THR A 34 -2.36 -5.32 -1.38
C THR A 34 -2.68 -3.84 -1.26
N ILE A 35 -2.68 -3.13 -2.40
CA ILE A 35 -3.07 -1.72 -2.51
C ILE A 35 -4.24 -1.62 -3.47
N GLY A 36 -5.22 -0.78 -3.14
CA GLY A 36 -6.42 -0.58 -3.92
C GLY A 36 -7.63 -1.22 -3.26
N GLN A 37 -8.81 -0.84 -3.75
CA GLN A 37 -10.04 -1.33 -3.15
C GLN A 37 -10.20 -2.83 -3.38
N GLN A 38 -10.88 -3.49 -2.44
CA GLN A 38 -11.20 -4.91 -2.57
C GLN A 38 -12.46 -5.08 -3.41
N MET A 39 -12.78 -6.34 -3.70
CA MET A 39 -14.02 -6.65 -4.43
C MET A 39 -15.22 -6.55 -3.51
N GLU A 40 -16.31 -6.00 -4.04
CA GLU A 40 -17.53 -5.79 -3.29
C GLU A 40 -18.72 -6.14 -4.17
N THR A 41 -19.88 -6.24 -3.54
CA THR A 41 -21.12 -6.43 -4.27
C THR A 41 -21.22 -5.37 -5.37
N GLY A 42 -21.62 -5.81 -6.57
CA GLY A 42 -21.67 -4.94 -7.71
C GLY A 42 -20.44 -4.93 -8.59
N ASP A 43 -19.40 -5.68 -8.23
CA ASP A 43 -18.18 -5.77 -9.02
C ASP A 43 -18.28 -7.01 -9.91
N GLN A 44 -17.98 -6.85 -11.19
CA GLN A 44 -18.00 -7.94 -12.15
C GLN A 44 -16.57 -8.32 -12.50
N ARG A 45 -16.20 -9.57 -12.27
CA ARG A 45 -14.88 -10.02 -12.66
C ARG A 45 -14.90 -10.43 -14.13
N PHE A 46 -13.89 -9.98 -14.88
CA PHE A 46 -13.82 -10.26 -16.31
C PHE A 46 -12.35 -10.52 -16.65
N GLY A 47 -12.02 -11.79 -16.90
CA GLY A 47 -10.63 -12.18 -17.00
C GLY A 47 -9.88 -11.73 -15.76
N ASP A 48 -8.82 -10.96 -15.96
CA ASP A 48 -7.98 -10.50 -14.86
C ASP A 48 -8.41 -9.15 -14.33
N LEU A 49 -9.52 -8.61 -14.81
CA LEU A 49 -9.91 -7.26 -14.48
C LEU A 49 -11.23 -7.28 -13.72
N VAL A 50 -11.55 -6.15 -13.12
CA VAL A 50 -12.82 -5.95 -12.42
C VAL A 50 -13.49 -4.70 -12.95
N PHE A 51 -14.80 -4.77 -13.17
CA PHE A 51 -15.59 -3.65 -13.66
C PHE A 51 -16.74 -3.35 -12.70
N ARG A 52 -16.99 -2.07 -12.48
CA ARG A 52 -18.06 -1.65 -11.57
CA ARG A 52 -18.05 -1.64 -11.57
C ARG A 52 -18.84 -0.52 -12.23
N GLN A 53 -20.14 -0.70 -12.35
CA GLN A 53 -20.98 0.37 -12.89
C GLN A 53 -21.14 1.46 -11.84
N LEU A 54 -20.85 2.69 -12.21
CA LEU A 54 -20.96 3.84 -11.30
C LEU A 54 -22.19 4.68 -11.58
N ALA A 55 -22.65 4.69 -12.82
CA ALA A 55 -23.81 5.45 -13.26
C ALA A 55 -24.35 4.75 -14.50
N PRO A 56 -25.52 5.13 -14.99
CA PRO A 56 -26.08 4.41 -16.14
C PRO A 56 -25.11 4.33 -17.31
N ASN A 57 -24.25 5.34 -17.48
CA ASN A 57 -23.36 5.39 -18.63
C ASN A 57 -21.88 5.45 -18.23
N VAL A 58 -21.54 5.10 -16.99
CA VAL A 58 -20.15 5.20 -16.53
C VAL A 58 -19.78 3.94 -15.77
N TRP A 59 -18.64 3.35 -16.13
CA TRP A 59 -18.11 2.20 -15.42
C TRP A 59 -16.67 2.47 -15.03
N GLN A 60 -16.24 1.86 -13.95
CA GLN A 60 -14.84 1.91 -13.54
C GLN A 60 -14.17 0.60 -13.94
N HIS A 61 -13.00 0.70 -14.59
CA HIS A 61 -12.18 -0.45 -14.89
C HIS A 61 -11.06 -0.55 -13.87
N THR A 62 -10.74 -1.76 -13.45
CA THR A 62 -9.69 -1.99 -12.48
C THR A 62 -8.78 -3.11 -12.96
N SER A 63 -7.49 -2.87 -12.94
CA SER A 63 -6.48 -3.84 -13.36
C SER A 63 -5.42 -3.91 -12.25
N TYR A 64 -4.65 -4.99 -12.26
CA TYR A 64 -3.79 -5.30 -11.13
C TYR A 64 -2.39 -5.61 -11.62
N LEU A 65 -1.41 -5.03 -10.96
CA LEU A 65 0.00 -5.30 -11.26
C LEU A 65 0.57 -6.01 -10.05
N ASP A 66 1.02 -7.23 -10.26
CA ASP A 66 1.55 -8.02 -9.16
C ASP A 66 3.00 -7.63 -8.93
N MET A 67 3.34 -7.44 -7.68
CA MET A 67 4.66 -7.00 -7.28
C MET A 67 5.40 -8.14 -6.69
N PRO A 68 6.57 -8.43 -7.17
CA PRO A 68 7.39 -9.45 -6.52
C PRO A 68 7.53 -9.09 -5.05
N GLY A 69 6.95 -9.92 -4.18
CA GLY A 69 7.11 -9.80 -2.75
C GLY A 69 6.08 -8.93 -2.06
N PHE A 70 5.18 -8.31 -2.80
CA PHE A 70 4.33 -7.29 -2.19
C PHE A 70 2.87 -7.59 -2.48
N GLY A 71 2.59 -8.21 -3.62
CA GLY A 71 1.21 -8.51 -3.99
C GLY A 71 0.69 -7.54 -5.02
N ALA A 72 -0.62 -7.61 -5.24
CA ALA A 72 -1.24 -6.90 -6.35
C ALA A 72 -1.56 -5.46 -5.99
N VAL A 73 -1.32 -4.56 -6.93
CA VAL A 73 -1.70 -3.15 -6.79
C VAL A 73 -2.79 -2.87 -7.83
N ALA A 74 -3.95 -2.44 -7.37
CA ALA A 74 -5.05 -2.10 -8.25
C ALA A 74 -4.87 -0.69 -8.79
N SER A 75 -5.29 -0.50 -10.05
CA SER A 75 -5.38 0.82 -10.67
C SER A 75 -6.71 0.94 -11.39
N ASN A 76 -7.36 2.07 -11.24
CA ASN A 76 -8.70 2.32 -11.78
C ASN A 76 -8.67 3.36 -12.88
N GLY A 77 -9.51 3.14 -13.89
CA GLY A 77 -9.86 4.15 -14.88
C GLY A 77 -11.35 4.14 -15.14
N LEU A 78 -11.80 4.81 -16.21
CA LEU A 78 -13.23 4.93 -16.47
C LEU A 78 -13.57 4.58 -17.91
N ILE A 79 -14.81 4.15 -18.09
CA ILE A 79 -15.43 3.91 -19.39
C ILE A 79 -16.73 4.68 -19.39
N VAL A 80 -16.96 5.48 -20.42
CA VAL A 80 -18.16 6.33 -20.49
C VAL A 80 -18.86 6.07 -21.81
N ARG A 81 -20.16 5.77 -21.75
CA ARG A 81 -20.95 5.68 -22.97
C ARG A 81 -21.53 7.06 -23.30
N ASP A 82 -21.38 7.49 -24.55
CA ASP A 82 -21.87 8.81 -24.98
C ASP A 82 -22.65 8.56 -26.25
N GLY A 83 -23.93 8.16 -26.10
CA GLY A 83 -24.74 7.83 -27.27
C GLY A 83 -24.21 6.57 -27.95
N GLY A 84 -23.87 6.67 -29.23
CA GLY A 84 -23.44 5.50 -29.99
C GLY A 84 -21.95 5.23 -29.94
N ARG A 85 -21.23 5.78 -28.98
CA ARG A 85 -19.80 5.56 -28.87
C ARG A 85 -19.39 5.50 -27.40
N VAL A 86 -18.17 4.99 -27.18
CA VAL A 86 -17.60 4.81 -25.86
C VAL A 86 -16.31 5.63 -25.76
N LEU A 87 -16.05 6.19 -24.58
CA LEU A 87 -14.84 6.96 -24.32
C LEU A 87 -14.13 6.32 -23.12
N VAL A 88 -12.80 6.26 -23.16
CA VAL A 88 -12.04 5.62 -22.09
C VAL A 88 -11.11 6.63 -21.44
N VAL A 89 -10.99 6.57 -20.11
CA VAL A 89 -10.02 7.34 -19.34
C VAL A 89 -9.05 6.36 -18.70
N ASP A 90 -7.79 6.48 -19.06
CA ASP A 90 -6.69 5.63 -18.60
C ASP A 90 -6.62 4.24 -19.20
N THR A 91 -5.40 3.80 -19.48
CA THR A 91 -5.21 2.40 -19.82
C THR A 91 -5.15 1.58 -18.54
N ALA A 92 -4.98 0.26 -18.69
CA ALA A 92 -4.56 -0.59 -17.59
C ALA A 92 -3.03 -0.58 -17.48
N TRP A 93 -2.49 -1.36 -16.55
CA TRP A 93 -1.03 -1.41 -16.39
C TRP A 93 -0.32 -1.96 -17.62
N THR A 94 -0.94 -2.86 -18.38
CA THR A 94 -0.26 -3.50 -19.49
C THR A 94 -1.13 -3.51 -20.73
N ASP A 95 -0.49 -3.82 -21.88
CA ASP A 95 -1.22 -3.99 -23.12
C ASP A 95 -2.27 -5.09 -23.01
N ASP A 96 -1.90 -6.25 -22.48
CA ASP A 96 -2.86 -7.34 -22.45
C ASP A 96 -4.07 -6.96 -21.60
N GLN A 97 -3.84 -6.32 -20.45
CA GLN A 97 -4.97 -5.90 -19.63
C GLN A 97 -5.83 -4.88 -20.37
N THR A 98 -5.20 -3.99 -21.13
CA THR A 98 -5.95 -2.97 -21.85
C THR A 98 -6.76 -3.59 -22.98
N ALA A 99 -6.22 -4.62 -23.63
CA ALA A 99 -7.00 -5.34 -24.62
C ALA A 99 -8.20 -6.02 -23.97
N GLN A 100 -8.05 -6.49 -22.72
CA GLN A 100 -9.22 -7.02 -22.02
C GLN A 100 -10.28 -5.97 -21.73
N ILE A 101 -9.88 -4.74 -21.40
CA ILE A 101 -10.86 -3.66 -21.28
C ILE A 101 -11.65 -3.55 -22.58
N LEU A 102 -10.94 -3.54 -23.72
CA LEU A 102 -11.65 -3.37 -24.99
C LEU A 102 -12.56 -4.56 -25.24
N ASN A 103 -12.14 -5.76 -24.84
CA ASN A 103 -13.00 -6.92 -25.00
CA ASN A 103 -13.00 -6.94 -25.00
C ASN A 103 -14.25 -6.83 -24.12
N TRP A 104 -14.09 -6.35 -22.88
CA TRP A 104 -15.27 -6.14 -22.03
C TRP A 104 -16.22 -5.13 -22.66
N ILE A 105 -15.69 -4.04 -23.20
CA ILE A 105 -16.54 -3.06 -23.86
C ILE A 105 -17.31 -3.71 -25.01
N LYS A 106 -16.62 -4.51 -25.82
CA LYS A 106 -17.26 -5.18 -26.93
C LYS A 106 -18.38 -6.09 -26.46
N GLN A 107 -18.14 -6.83 -25.38
CA GLN A 107 -19.13 -7.79 -24.89
CA GLN A 107 -19.13 -7.79 -24.89
C GLN A 107 -20.32 -7.10 -24.23
N GLU A 108 -20.06 -6.11 -23.36
CA GLU A 108 -21.11 -5.54 -22.52
C GLU A 108 -21.79 -4.32 -23.10
N ILE A 109 -21.11 -3.57 -23.97
CA ILE A 109 -21.69 -2.36 -24.56
C ILE A 109 -21.85 -2.50 -26.07
N ASN A 110 -20.86 -3.11 -26.74
CA ASN A 110 -20.94 -3.36 -28.18
C ASN A 110 -21.05 -2.09 -29.01
N LEU A 111 -20.29 -1.06 -28.63
CA LEU A 111 -20.21 0.19 -29.37
C LEU A 111 -18.73 0.53 -29.53
N PRO A 112 -18.37 1.33 -30.55
CA PRO A 112 -16.96 1.61 -30.80
C PRO A 112 -16.40 2.60 -29.81
N VAL A 113 -15.11 2.40 -29.50
CA VAL A 113 -14.39 3.35 -28.66
C VAL A 113 -13.87 4.48 -29.54
N ALA A 114 -14.35 5.68 -29.28
CA ALA A 114 -13.97 6.83 -30.12
C ALA A 114 -12.60 7.36 -29.76
N LEU A 115 -12.27 7.38 -28.48
CA LEU A 115 -11.02 8.00 -28.07
C LEU A 115 -10.75 7.59 -26.63
N ALA A 116 -9.49 7.74 -26.24
CA ALA A 116 -9.08 7.55 -24.87
C ALA A 116 -8.24 8.73 -24.45
N VAL A 117 -8.40 9.15 -23.19
CA VAL A 117 -7.58 10.19 -22.55
CA VAL A 117 -7.56 10.17 -22.57
C VAL A 117 -6.80 9.53 -21.42
N VAL A 118 -5.52 9.77 -21.35
CA VAL A 118 -4.69 9.16 -20.31
C VAL A 118 -4.13 10.28 -19.44
N THR A 119 -4.06 10.06 -18.13
CA THR A 119 -3.99 11.17 -17.21
C THR A 119 -2.61 11.52 -16.68
N HIS A 120 -1.57 10.72 -16.97
CA HIS A 120 -0.18 11.17 -16.86
C HIS A 120 0.72 10.03 -17.30
N ALA A 121 2.02 10.34 -17.47
CA ALA A 121 2.98 9.39 -18.05
C ALA A 121 3.62 8.48 -16.98
N HIS A 122 2.80 7.60 -16.44
CA HIS A 122 3.27 6.50 -15.62
C HIS A 122 2.54 5.23 -16.05
N GLN A 123 3.10 4.08 -15.65
CA GLN A 123 2.62 2.80 -16.16
C GLN A 123 1.16 2.51 -15.80
N ASP A 124 0.71 2.89 -14.61
CA ASP A 124 -0.68 2.59 -14.27
C ASP A 124 -1.68 3.30 -15.15
N LYS A 125 -1.29 4.43 -15.75
CA LYS A 125 -2.21 5.19 -16.59
C LYS A 125 -1.96 5.07 -18.07
N MET A 126 -0.74 4.72 -18.47
CA MET A 126 -0.35 4.72 -19.87
CA MET A 126 -0.31 4.74 -19.85
C MET A 126 0.34 3.44 -20.30
N GLY A 127 0.40 2.42 -19.43
CA GLY A 127 1.10 1.18 -19.75
C GLY A 127 0.54 0.42 -20.94
N GLY A 128 -0.74 0.65 -21.28
CA GLY A 128 -1.36 -0.13 -22.34
C GLY A 128 -1.65 0.64 -23.61
N MET A 129 -0.90 1.70 -23.87
CA MET A 129 -1.13 2.53 -25.05
CA MET A 129 -1.15 2.53 -25.05
C MET A 129 -1.12 1.71 -26.33
N ASP A 130 -0.20 0.75 -26.45
CA ASP A 130 -0.08 0.01 -27.70
C ASP A 130 -1.35 -0.78 -28.01
N ALA A 131 -2.07 -1.26 -27.00
CA ALA A 131 -3.32 -1.97 -27.28
C ALA A 131 -4.38 -1.02 -27.84
N LEU A 132 -4.44 0.21 -27.33
CA LEU A 132 -5.37 1.18 -27.91
C LEU A 132 -5.01 1.48 -29.35
N HIS A 133 -3.72 1.67 -29.63
CA HIS A 133 -3.29 1.99 -30.99
C HIS A 133 -3.57 0.82 -31.94
N ALA A 134 -3.28 -0.40 -31.51
CA ALA A 134 -3.56 -1.55 -32.35
C ALA A 134 -5.04 -1.64 -32.71
N ALA A 135 -5.92 -1.19 -31.80
CA ALA A 135 -7.35 -1.19 -32.03
C ALA A 135 -7.82 0.00 -32.87
N GLY A 136 -6.93 0.93 -33.19
CA GLY A 136 -7.32 2.09 -33.96
C GLY A 136 -8.02 3.17 -33.18
N ILE A 137 -7.80 3.23 -31.87
CA ILE A 137 -8.45 4.22 -31.02
C ILE A 137 -7.56 5.45 -30.92
N ALA A 138 -8.15 6.61 -31.15
CA ALA A 138 -7.42 7.87 -31.03
C ALA A 138 -7.10 8.15 -29.57
N THR A 139 -5.84 8.47 -29.28
CA THR A 139 -5.40 8.66 -27.91
C THR A 139 -4.94 10.08 -27.69
N TYR A 140 -5.24 10.60 -26.51
CA TYR A 140 -4.98 11.99 -26.12
C TYR A 140 -4.33 11.99 -24.75
N ALA A 141 -3.37 12.89 -24.57
CA ALA A 141 -2.74 13.11 -23.27
C ALA A 141 -2.27 14.56 -23.24
N ASN A 142 -2.04 15.06 -22.04
CA ASN A 142 -1.33 16.33 -21.88
C ASN A 142 -0.07 16.33 -22.75
N ALA A 143 0.16 17.42 -23.50
CA ALA A 143 1.40 17.55 -24.26
C ALA A 143 2.62 17.17 -23.42
N LEU A 144 2.66 17.65 -22.16
CA LEU A 144 3.79 17.31 -21.30
C LEU A 144 3.88 15.80 -21.06
N SER A 145 2.72 15.13 -20.87
CA SER A 145 2.75 13.67 -20.72
C SER A 145 3.38 13.02 -21.95
N ASN A 146 3.04 13.51 -23.13
CA ASN A 146 3.60 12.94 -24.34
C ASN A 146 5.09 13.20 -24.44
N GLN A 147 5.53 14.36 -23.94
CA GLN A 147 6.95 14.69 -23.95
C GLN A 147 7.72 13.84 -22.93
N LEU A 148 7.10 13.54 -21.78
CA LEU A 148 7.74 12.73 -20.76
C LEU A 148 7.67 11.24 -21.05
N ALA A 149 6.71 10.81 -21.88
CA ALA A 149 6.49 9.37 -22.08
C ALA A 149 7.76 8.62 -22.44
N PRO A 150 8.55 9.06 -23.42
CA PRO A 150 9.78 8.30 -23.75
C PRO A 150 10.72 8.14 -22.57
N GLN A 151 10.80 9.14 -21.70
CA GLN A 151 11.67 9.09 -20.53
C GLN A 151 11.12 8.14 -19.46
N GLU A 152 9.83 7.91 -19.47
CA GLU A 152 9.11 7.12 -18.47
C GLU A 152 8.84 5.71 -18.96
N GLY A 153 9.44 5.32 -20.07
CA GLY A 153 9.17 3.99 -20.59
C GLY A 153 7.78 3.80 -21.16
N MET A 154 7.12 4.88 -21.57
CA MET A 154 5.79 4.82 -22.16
C MET A 154 5.81 5.18 -23.66
N VAL A 155 4.73 4.81 -24.34
CA VAL A 155 4.47 5.26 -25.70
C VAL A 155 3.57 6.49 -25.59
N ALA A 156 3.91 7.56 -26.29
CA ALA A 156 3.09 8.77 -26.26
C ALA A 156 1.72 8.54 -26.88
N ALA A 157 0.71 9.26 -26.38
CA ALA A 157 -0.55 9.36 -27.09
C ALA A 157 -0.32 10.01 -28.45
N GLN A 158 -1.28 9.81 -29.35
CA GLN A 158 -1.16 10.30 -30.71
C GLN A 158 -1.56 11.77 -30.84
N HIS A 159 -2.21 12.35 -29.83
CA HIS A 159 -2.63 13.73 -29.85
C HIS A 159 -2.29 14.35 -28.51
N SER A 160 -2.02 15.65 -28.53
CA SER A 160 -1.66 16.39 -27.34
C SER A 160 -2.75 17.39 -26.93
N LEU A 161 -3.09 17.36 -25.65
CA LEU A 161 -3.95 18.37 -25.05
C LEU A 161 -3.09 19.50 -24.53
N THR A 162 -3.57 20.74 -24.68
CA THR A 162 -2.91 21.86 -24.01
C THR A 162 -3.93 22.58 -23.15
N PHE A 163 -3.42 23.41 -22.24
CA PHE A 163 -4.22 23.95 -21.17
C PHE A 163 -4.01 25.44 -21.04
N ALA A 164 -5.07 26.12 -20.61
CA ALA A 164 -5.00 27.54 -20.31
C ALA A 164 -4.32 27.77 -18.95
N ALA A 165 -4.05 29.05 -18.66
CA ALA A 165 -3.38 29.43 -17.41
C ALA A 165 -4.23 29.12 -16.19
N ASN A 166 -5.53 28.90 -16.34
CA ASN A 166 -6.40 28.51 -15.23
C ASN A 166 -6.66 27.00 -15.20
N GLY A 167 -6.03 26.22 -16.07
CA GLY A 167 -6.12 24.78 -16.03
C GLY A 167 -7.12 24.16 -17.00
N TRP A 168 -8.04 24.94 -17.56
CA TRP A 168 -9.01 24.32 -18.47
C TRP A 168 -8.37 23.94 -19.81
N VAL A 169 -8.75 22.79 -20.35
CA VAL A 169 -8.21 22.37 -21.63
C VAL A 169 -8.59 23.36 -22.73
N GLU A 170 -7.69 23.56 -23.68
CA GLU A 170 -7.99 24.33 -24.87
C GLU A 170 -8.93 23.52 -25.75
N PRO A 171 -10.15 24.01 -26.00
CA PRO A 171 -11.16 23.15 -26.65
C PRO A 171 -10.73 22.61 -28.00
N ALA A 172 -9.98 23.37 -28.78
CA ALA A 172 -9.60 22.88 -30.09
C ALA A 172 -8.67 21.67 -30.00
N THR A 173 -8.01 21.46 -28.86
CA THR A 173 -7.15 20.30 -28.70
C THR A 173 -7.90 19.07 -28.18
N ALA A 174 -9.18 19.22 -27.82
CA ALA A 174 -10.00 18.15 -27.28
C ALA A 174 -11.28 18.05 -28.13
N PRO A 175 -11.14 17.77 -29.43
CA PRO A 175 -12.31 17.82 -30.31
C PRO A 175 -13.24 16.66 -30.02
N ASN A 176 -14.53 16.96 -29.97
CA ASN A 176 -15.56 15.93 -29.89
C ASN A 176 -15.41 15.06 -28.65
N PHE A 177 -15.06 15.70 -27.52
CA PHE A 177 -14.84 14.96 -26.28
C PHE A 177 -16.14 14.64 -25.55
N GLY A 178 -17.29 15.03 -26.09
CA GLY A 178 -18.55 14.72 -25.46
C GLY A 178 -18.55 15.20 -24.02
N PRO A 179 -18.88 14.31 -23.08
CA PRO A 179 -19.00 14.74 -21.69
C PRO A 179 -17.67 14.83 -20.96
N LEU A 180 -16.53 14.50 -21.58
CA LEU A 180 -15.26 14.54 -20.85
C LEU A 180 -14.78 15.98 -20.77
N LYS A 181 -14.70 16.52 -19.57
CA LYS A 181 -14.27 17.90 -19.34
C LYS A 181 -12.89 17.84 -18.67
N VAL A 182 -11.84 18.07 -19.45
CA VAL A 182 -10.48 17.83 -18.99
C VAL A 182 -9.93 19.07 -18.32
N PHE A 183 -9.27 18.89 -17.19
CA PHE A 183 -8.79 20.00 -16.38
C PHE A 183 -7.39 19.67 -15.87
N TYR A 184 -6.43 20.59 -16.06
CA TYR A 184 -5.09 20.41 -15.52
C TYR A 184 -5.02 21.21 -14.22
N PRO A 185 -4.92 20.57 -13.05
CA PRO A 185 -5.06 21.30 -11.79
C PRO A 185 -3.79 21.93 -11.29
N GLY A 186 -2.65 21.69 -11.94
CA GLY A 186 -1.36 22.13 -11.45
C GLY A 186 -0.55 20.91 -11.03
N PRO A 187 0.76 21.09 -10.83
CA PRO A 187 1.62 19.96 -10.46
C PRO A 187 1.25 19.41 -9.09
N GLY A 188 1.31 18.09 -8.96
CA GLY A 188 1.00 17.49 -7.68
C GLY A 188 1.65 16.13 -7.59
N HIS A 189 0.88 15.07 -7.88
CA HIS A 189 1.48 13.74 -7.95
C HIS A 189 2.60 13.71 -8.99
N THR A 190 2.38 14.33 -10.15
CA THR A 190 3.43 14.61 -11.12
C THR A 190 3.20 16.01 -11.68
N SER A 191 4.12 16.50 -12.48
CA SER A 191 3.91 17.81 -13.10
CA SER A 191 3.91 17.81 -13.10
C SER A 191 2.90 17.75 -14.23
N ASP A 192 2.64 16.57 -14.80
CA ASP A 192 1.76 16.46 -15.95
C ASP A 192 0.35 15.96 -15.63
N ASN A 193 0.07 15.64 -14.37
CA ASN A 193 -1.21 15.00 -14.03
C ASN A 193 -2.42 15.84 -14.45
N ILE A 194 -3.38 15.19 -15.11
CA ILE A 194 -4.63 15.84 -15.48
C ILE A 194 -5.80 15.09 -14.84
N THR A 195 -6.96 15.74 -14.88
CA THR A 195 -8.17 15.23 -14.25
C THR A 195 -9.31 15.37 -15.24
N VAL A 196 -10.43 14.70 -14.97
CA VAL A 196 -11.52 14.65 -15.95
C VAL A 196 -12.86 14.66 -15.23
N GLY A 197 -13.67 15.69 -15.48
CA GLY A 197 -15.05 15.66 -15.02
C GLY A 197 -15.93 15.00 -16.07
N ILE A 198 -16.99 14.33 -15.64
CA ILE A 198 -17.92 13.72 -16.58
CA ILE A 198 -17.93 13.70 -16.56
C ILE A 198 -19.19 14.56 -16.57
N ASP A 199 -19.34 15.40 -17.58
CA ASP A 199 -20.51 16.24 -17.69
CA ASP A 199 -20.52 16.24 -17.72
C ASP A 199 -21.78 15.39 -17.77
N GLY A 200 -22.87 15.91 -17.22
CA GLY A 200 -24.10 15.13 -17.21
C GLY A 200 -24.15 14.07 -16.14
N THR A 201 -23.19 14.08 -15.22
CA THR A 201 -23.15 13.17 -14.08
C THR A 201 -22.58 13.94 -12.91
N ASP A 202 -22.61 13.31 -11.75
CA ASP A 202 -21.97 13.89 -10.58
C ASP A 202 -20.61 13.27 -10.27
N ILE A 203 -19.91 12.80 -11.31
CA ILE A 203 -18.62 12.11 -11.19
C ILE A 203 -17.49 13.00 -11.68
N ALA A 204 -16.40 13.00 -10.94
CA ALA A 204 -15.14 13.55 -11.43
C ALA A 204 -14.01 12.60 -11.08
N PHE A 205 -13.02 12.55 -11.95
CA PHE A 205 -11.89 11.61 -11.87
C PHE A 205 -10.61 12.37 -11.55
N GLY A 206 -10.01 12.04 -10.41
CA GLY A 206 -8.78 12.67 -9.96
C GLY A 206 -7.51 11.89 -10.28
N GLY A 207 -7.63 10.68 -10.81
CA GLY A 207 -6.43 9.90 -11.11
C GLY A 207 -5.58 9.68 -9.87
N CYS A 208 -4.25 9.73 -10.04
CA CYS A 208 -3.34 9.49 -8.92
C CYS A 208 -3.13 10.73 -8.06
N LEU A 209 -3.63 11.87 -8.49
CA LEU A 209 -3.52 13.08 -7.68
C LEU A 209 -4.29 12.94 -6.36
N ILE A 210 -5.48 12.35 -6.40
CA ILE A 210 -6.39 12.32 -5.27
C ILE A 210 -6.32 10.96 -4.62
N LYS A 211 -6.21 10.95 -3.29
CA LYS A 211 -6.24 9.73 -2.48
C LYS A 211 -7.54 9.72 -1.67
N ASP A 212 -7.91 8.55 -1.15
CA ASP A 212 -9.26 8.56 -0.58
C ASP A 212 -9.26 9.22 0.80
N SER A 213 -10.47 9.43 1.32
CA SER A 213 -10.64 10.20 2.54
C SER A 213 -10.05 9.52 3.75
N LYS A 214 -9.75 8.22 3.68
CA LYS A 214 -9.18 7.50 4.82
C LYS A 214 -7.69 7.25 4.62
N ALA A 215 -7.10 7.75 3.53
CA ALA A 215 -5.73 7.42 3.22
C ALA A 215 -4.77 7.95 4.28
N LYS A 216 -3.69 7.21 4.51
CA LYS A 216 -2.65 7.64 5.42
C LYS A 216 -1.50 8.34 4.72
N SER A 217 -1.34 8.15 3.42
CA SER A 217 -0.25 8.79 2.72
C SER A 217 -0.72 9.22 1.33
N LEU A 218 0.11 10.05 0.71
CA LEU A 218 -0.10 10.51 -0.65
C LEU A 218 0.51 9.58 -1.70
N GLY A 219 0.92 8.37 -1.33
CA GLY A 219 1.41 7.43 -2.31
C GLY A 219 2.83 7.77 -2.77
N ASN A 220 3.12 7.48 -4.03
CA ASN A 220 4.47 7.71 -4.56
C ASN A 220 4.66 9.21 -4.81
N LEU A 221 5.50 9.85 -3.99
CA LEU A 221 5.86 11.26 -4.16
C LEU A 221 7.18 11.43 -4.89
N GLY A 222 7.73 10.36 -5.47
CA GLY A 222 9.03 10.45 -6.11
C GLY A 222 9.10 11.46 -7.25
N ASP A 223 8.01 11.62 -8.01
CA ASP A 223 7.94 12.58 -9.11
C ASP A 223 7.07 13.79 -8.76
N ALA A 224 6.74 13.96 -7.48
CA ALA A 224 5.73 14.92 -7.03
C ALA A 224 6.30 16.32 -6.83
N ASP A 225 5.40 17.29 -6.91
CA ASP A 225 5.69 18.69 -6.59
C ASP A 225 5.07 18.95 -5.21
N THR A 226 5.90 18.82 -4.16
CA THR A 226 5.35 18.91 -2.82
C THR A 226 4.94 20.34 -2.47
N GLU A 227 5.58 21.34 -3.08
CA GLU A 227 5.17 22.72 -2.85
C GLU A 227 3.75 22.99 -3.33
N HIS A 228 3.40 22.54 -4.54
CA HIS A 228 2.17 22.96 -5.18
C HIS A 228 1.04 21.95 -5.02
N TYR A 229 1.32 20.77 -4.42
CA TYR A 229 0.35 19.68 -4.38
C TYR A 229 -0.97 20.14 -3.76
N ALA A 230 -0.93 20.79 -2.60
CA ALA A 230 -2.17 21.14 -1.92
C ALA A 230 -3.04 22.03 -2.80
N ALA A 231 -2.44 23.07 -3.37
CA ALA A 231 -3.21 23.97 -4.24
C ALA A 231 -3.76 23.21 -5.44
N SER A 232 -2.99 22.29 -6.01
CA SER A 232 -3.48 21.53 -7.16
C SER A 232 -4.68 20.65 -6.79
N ALA A 233 -4.60 19.97 -5.64
CA ALA A 233 -5.74 19.17 -5.20
C ALA A 233 -6.97 20.05 -5.00
N ARG A 234 -6.82 21.21 -4.36
CA ARG A 234 -7.97 22.09 -4.16
C ARG A 234 -8.48 22.66 -5.47
N ALA A 235 -7.58 22.92 -6.43
CA ALA A 235 -8.01 23.41 -7.73
C ALA A 235 -8.90 22.39 -8.45
N PHE A 236 -8.57 21.11 -8.33
CA PHE A 236 -9.43 20.05 -8.88
C PHE A 236 -10.82 20.13 -8.26
N GLY A 237 -10.89 20.23 -6.94
CA GLY A 237 -12.20 20.35 -6.30
C GLY A 237 -12.98 21.55 -6.78
N ALA A 238 -12.31 22.70 -6.93
CA ALA A 238 -12.99 23.91 -7.36
C ALA A 238 -13.39 23.85 -8.83
N ALA A 239 -12.67 23.06 -9.64
CA ALA A 239 -13.02 22.94 -11.06
C ALA A 239 -14.33 22.19 -11.25
N PHE A 240 -14.64 21.26 -10.34
CA PHE A 240 -15.83 20.41 -10.45
C PHE A 240 -16.56 20.49 -9.11
N PRO A 241 -17.11 21.66 -8.79
CA PRO A 241 -17.58 21.90 -7.40
C PRO A 241 -18.82 21.11 -7.03
N LYS A 242 -19.56 20.58 -8.00
CA LYS A 242 -20.78 19.84 -7.74
C LYS A 242 -20.62 18.36 -7.98
N ALA A 243 -19.40 17.90 -8.23
CA ALA A 243 -19.17 16.45 -8.36
C ALA A 243 -19.19 15.84 -6.98
N SER A 244 -20.11 14.91 -6.72
CA SER A 244 -20.19 14.30 -5.40
C SER A 244 -19.52 12.93 -5.32
N MET A 245 -19.25 12.30 -6.46
CA MET A 245 -18.55 11.01 -6.56
C MET A 245 -17.17 11.26 -7.15
N ILE A 246 -16.14 11.07 -6.34
CA ILE A 246 -14.77 11.32 -6.76
C ILE A 246 -14.12 9.97 -7.00
N VAL A 247 -13.72 9.74 -8.25
CA VAL A 247 -13.07 8.50 -8.64
C VAL A 247 -11.58 8.74 -8.68
N MET A 248 -10.80 7.72 -8.31
CA MET A 248 -9.36 7.88 -8.17
C MET A 248 -8.67 6.58 -8.53
N SER A 249 -7.35 6.66 -8.68
CA SER A 249 -6.64 5.52 -9.27
C SER A 249 -6.58 4.31 -8.34
N HIS A 250 -6.52 4.49 -7.01
CA HIS A 250 -6.16 3.35 -6.18
C HIS A 250 -7.09 3.11 -5.00
N SER A 251 -8.28 3.67 -5.02
CA SER A 251 -9.29 3.40 -4.02
C SER A 251 -10.65 3.41 -4.70
N ALA A 252 -11.65 2.90 -4.01
CA ALA A 252 -13.02 2.94 -4.49
C ALA A 252 -13.53 4.38 -4.57
N PRO A 253 -14.52 4.63 -5.41
CA PRO A 253 -15.08 5.98 -5.50
C PRO A 253 -15.50 6.47 -4.11
N ASP A 254 -15.25 7.74 -3.85
CA ASP A 254 -15.40 8.34 -2.53
C ASP A 254 -16.17 9.65 -2.64
N SER A 255 -16.42 10.26 -1.49
CA SER A 255 -17.04 11.56 -1.41
C SER A 255 -16.00 12.64 -1.67
N ARG A 256 -16.45 13.89 -1.63
CA ARG A 256 -15.53 15.02 -1.75
C ARG A 256 -14.51 15.08 -0.60
N ALA A 257 -14.71 14.32 0.48
CA ALA A 257 -13.68 14.28 1.52
C ALA A 257 -12.37 13.69 1.00
N ALA A 258 -12.40 12.96 -0.11
CA ALA A 258 -11.15 12.53 -0.72
C ALA A 258 -10.33 13.75 -1.13
N ILE A 259 -10.99 14.75 -1.72
CA ILE A 259 -10.29 15.95 -2.13
C ILE A 259 -9.76 16.71 -0.93
N THR A 260 -10.63 16.95 0.06
CA THR A 260 -10.22 17.79 1.17
C THR A 260 -9.17 17.10 2.02
N HIS A 261 -9.26 15.78 2.16
CA HIS A 261 -8.26 15.06 2.93
C HIS A 261 -6.93 15.02 2.20
N THR A 262 -6.96 14.82 0.89
CA THR A 262 -5.72 14.85 0.11
C THR A 262 -5.04 16.21 0.29
N ALA A 263 -5.83 17.29 0.19
CA ALA A 263 -5.25 18.62 0.32
C ALA A 263 -4.67 18.84 1.72
N ARG A 264 -5.36 18.36 2.76
CA ARG A 264 -4.88 18.49 4.12
C ARG A 264 -3.56 17.76 4.32
N MET A 265 -3.43 16.59 3.71
CA MET A 265 -2.19 15.83 3.85
C MET A 265 -1.08 16.58 3.10
N ALA A 266 -1.41 17.13 1.92
CA ALA A 266 -0.46 17.91 1.14
C ALA A 266 -0.04 19.19 1.84
N ASP A 267 -0.92 19.79 2.66
CA ASP A 267 -0.54 20.98 3.40
C ASP A 267 0.70 20.73 4.25
N LYS A 268 0.87 19.49 4.72
CA LYS A 268 1.99 19.12 5.59
C LYS A 268 3.32 19.03 4.86
N LEU A 269 3.30 18.90 3.53
CA LEU A 269 4.53 18.77 2.76
C LEU A 269 5.23 20.11 2.54
N ARG A 270 4.59 21.23 2.82
CA ARG A 270 5.21 22.52 2.55
C ARG A 270 5.97 23.02 3.77
N ILE B 31 11.12 11.23 5.26
CA ILE B 31 10.61 9.93 4.83
C ILE B 31 9.09 9.86 4.95
N ARG B 32 8.41 9.68 3.81
CA ARG B 32 6.95 9.63 3.74
C ARG B 32 6.55 8.34 3.06
N PRO B 33 6.35 7.27 3.82
CA PRO B 33 6.11 5.96 3.18
C PRO B 33 4.81 5.90 2.39
N THR B 34 4.88 5.15 1.29
CA THR B 34 3.67 4.76 0.55
C THR B 34 2.85 3.73 1.35
N ILE B 35 3.53 2.82 2.05
CA ILE B 35 2.90 1.87 2.97
C ILE B 35 3.57 1.99 4.32
N GLY B 36 2.77 2.06 5.37
CA GLY B 36 3.29 2.24 6.71
C GLY B 36 2.98 3.63 7.25
N GLN B 37 3.11 3.75 8.57
CA GLN B 37 2.78 5.01 9.23
C GLN B 37 3.79 6.10 8.88
N GLN B 38 3.30 7.34 8.88
CA GLN B 38 4.12 8.52 8.69
C GLN B 38 4.77 8.91 10.02
N MET B 39 5.75 9.81 9.95
CA MET B 39 6.37 10.30 11.18
C MET B 39 5.42 11.23 11.93
N GLU B 40 5.42 11.09 13.26
CA GLU B 40 4.62 11.90 14.17
C GLU B 40 5.52 12.46 15.24
N THR B 41 4.95 13.32 16.09
CA THR B 41 5.66 13.80 17.27
C THR B 41 6.03 12.62 18.15
N GLY B 42 7.22 12.68 18.76
CA GLY B 42 7.74 11.57 19.52
C GLY B 42 8.59 10.59 18.74
N ASP B 43 8.77 10.81 17.44
CA ASP B 43 9.61 9.96 16.62
C ASP B 43 11.00 10.57 16.54
N GLN B 44 12.03 9.74 16.71
CA GLN B 44 13.42 10.17 16.62
C GLN B 44 14.01 9.59 15.34
N ARG B 45 14.49 10.46 14.46
CA ARG B 45 15.22 9.99 13.28
C ARG B 45 16.66 9.66 13.69
N PHE B 46 17.16 8.53 13.21
CA PHE B 46 18.55 8.13 13.44
C PHE B 46 19.01 7.45 12.16
N GLY B 47 19.90 8.10 11.43
CA GLY B 47 20.27 7.57 10.13
C GLY B 47 19.05 7.44 9.24
N ASP B 48 18.88 6.25 8.66
CA ASP B 48 17.74 5.95 7.81
C ASP B 48 16.56 5.37 8.56
N LEU B 49 16.59 5.38 9.89
CA LEU B 49 15.60 4.70 10.70
C LEU B 49 14.86 5.70 11.57
N VAL B 50 13.75 5.24 12.15
CA VAL B 50 12.98 6.03 13.10
C VAL B 50 12.75 5.18 14.33
N PHE B 51 12.88 5.79 15.51
CA PHE B 51 12.64 5.12 16.77
C PHE B 51 11.60 5.88 17.56
N ARG B 52 10.74 5.14 18.28
CA ARG B 52 9.71 5.74 19.11
CA ARG B 52 9.70 5.74 19.10
C ARG B 52 9.63 4.98 20.41
N GLN B 53 9.74 5.70 21.53
CA GLN B 53 9.63 5.06 22.83
C GLN B 53 8.16 4.78 23.15
N LEU B 54 7.85 3.52 23.45
CA LEU B 54 6.48 3.11 23.77
C LEU B 54 6.23 2.95 25.25
N ALA B 55 7.26 2.64 26.02
CA ALA B 55 7.16 2.43 27.45
C ALA B 55 8.55 2.64 28.04
N PRO B 56 8.68 2.70 29.36
CA PRO B 56 10.00 3.02 29.91
C PRO B 56 11.12 2.12 29.39
N ASN B 57 10.83 0.87 29.06
CA ASN B 57 11.86 -0.05 28.60
C ASN B 57 11.57 -0.66 27.23
N VAL B 58 10.71 -0.03 26.42
CA VAL B 58 10.33 -0.58 25.12
C VAL B 58 10.31 0.53 24.09
N TRP B 59 10.93 0.27 22.95
CA TRP B 59 10.92 1.18 21.81
C TRP B 59 10.51 0.41 20.56
N GLN B 60 9.92 1.13 19.60
CA GLN B 60 9.62 0.58 18.30
C GLN B 60 10.68 1.08 17.32
N HIS B 61 11.27 0.15 16.54
CA HIS B 61 12.17 0.50 15.46
C HIS B 61 11.43 0.47 14.13
N THR B 62 11.74 1.42 13.25
CA THR B 62 11.11 1.50 11.93
C THR B 62 12.17 1.69 10.87
N SER B 63 12.11 0.85 9.83
CA SER B 63 13.03 0.92 8.69
C SER B 63 12.19 0.92 7.42
N TYR B 64 12.80 1.34 6.31
CA TYR B 64 12.08 1.63 5.07
C TYR B 64 12.76 0.93 3.90
N LEU B 65 11.95 0.31 3.05
CA LEU B 65 12.44 -0.31 1.82
C LEU B 65 11.88 0.52 0.69
N ASP B 66 12.76 1.09 -0.12
CA ASP B 66 12.32 1.97 -1.21
C ASP B 66 12.11 1.13 -2.45
N MET B 67 10.87 1.05 -2.92
CA MET B 67 10.57 0.18 -4.04
C MET B 67 10.47 1.03 -5.29
N PRO B 68 11.36 0.86 -6.28
CA PRO B 68 11.34 1.75 -7.45
C PRO B 68 9.96 1.79 -8.10
N GLY B 69 9.53 3.00 -8.44
CA GLY B 69 8.23 3.21 -9.04
C GLY B 69 7.07 3.18 -8.08
N PHE B 70 7.30 2.97 -6.80
CA PHE B 70 6.26 2.83 -5.79
C PHE B 70 6.48 3.70 -4.56
N GLY B 71 7.71 3.79 -4.08
CA GLY B 71 8.02 4.54 -2.89
C GLY B 71 8.43 3.62 -1.75
N ALA B 72 8.44 4.21 -0.57
CA ALA B 72 8.99 3.55 0.60
C ALA B 72 7.92 2.75 1.35
N VAL B 73 8.32 1.59 1.87
CA VAL B 73 7.47 0.78 2.70
C VAL B 73 8.11 0.69 4.08
N ALA B 74 7.38 1.13 5.10
CA ALA B 74 7.87 1.08 6.48
C ALA B 74 7.59 -0.28 7.11
N SER B 75 8.54 -0.73 7.93
CA SER B 75 8.34 -1.93 8.75
C SER B 75 8.83 -1.69 10.17
N ASN B 76 8.05 -2.16 11.14
CA ASN B 76 8.27 -1.91 12.56
C ASN B 76 8.66 -3.19 13.29
N GLY B 77 9.58 -3.05 14.24
CA GLY B 77 9.88 -4.10 15.21
C GLY B 77 10.04 -3.47 16.58
N LEU B 78 10.57 -4.23 17.54
CA LEU B 78 10.65 -3.74 18.92
C LEU B 78 12.06 -3.92 19.46
N ILE B 79 12.37 -3.09 20.45
CA ILE B 79 13.59 -3.14 21.24
C ILE B 79 13.16 -3.10 22.69
N VAL B 80 13.62 -4.07 23.48
CA VAL B 80 13.21 -4.19 24.88
C VAL B 80 14.44 -4.23 25.75
N ARG B 81 14.47 -3.38 26.78
CA ARG B 81 15.51 -3.42 27.79
C ARG B 81 15.00 -4.22 28.98
N ASP B 82 15.71 -5.29 29.36
CA ASP B 82 15.35 -6.12 30.50
C ASP B 82 16.61 -6.59 31.20
N GLY B 83 16.72 -6.38 32.50
CA GLY B 83 17.79 -7.01 33.24
C GLY B 83 19.19 -6.81 32.68
N GLY B 84 19.54 -5.55 32.35
CA GLY B 84 20.86 -5.20 31.87
C GLY B 84 21.16 -5.58 30.45
N ARG B 85 20.18 -6.11 29.72
CA ARG B 85 20.42 -6.48 28.34
CA ARG B 85 20.36 -6.58 28.35
C ARG B 85 19.30 -5.95 27.47
N VAL B 86 19.53 -6.01 26.17
CA VAL B 86 18.52 -5.60 25.20
C VAL B 86 18.11 -6.82 24.39
N LEU B 87 16.81 -6.93 24.15
CA LEU B 87 16.22 -7.98 23.33
C LEU B 87 15.55 -7.30 22.15
N VAL B 88 15.76 -7.84 20.96
CA VAL B 88 15.24 -7.25 19.74
C VAL B 88 14.16 -8.18 19.19
N VAL B 89 13.07 -7.58 18.70
CA VAL B 89 12.03 -8.32 17.98
C VAL B 89 12.03 -7.79 16.55
N ASP B 90 12.35 -8.67 15.60
CA ASP B 90 12.46 -8.41 14.17
C ASP B 90 13.71 -7.64 13.77
N THR B 91 14.27 -8.01 12.61
CA THR B 91 15.32 -7.20 12.02
C THR B 91 14.67 -6.06 11.23
N ALA B 92 15.51 -5.22 10.62
CA ALA B 92 15.08 -4.30 9.59
C ALA B 92 15.07 -5.02 8.23
N TRP B 93 14.76 -4.30 7.15
CA TRP B 93 14.70 -4.93 5.84
C TRP B 93 16.07 -5.42 5.37
N THR B 94 17.15 -4.76 5.78
CA THR B 94 18.48 -5.08 5.28
C THR B 94 19.49 -5.20 6.41
N ASP B 95 20.65 -5.79 6.07
CA ASP B 95 21.75 -5.90 7.01
C ASP B 95 22.22 -4.53 7.45
N ASP B 96 22.40 -3.60 6.50
CA ASP B 96 22.87 -2.27 6.88
C ASP B 96 21.89 -1.58 7.82
N GLN B 97 20.59 -1.65 7.53
CA GLN B 97 19.62 -1.03 8.42
C GLN B 97 19.65 -1.70 9.79
N THR B 98 19.87 -3.01 9.83
CA THR B 98 19.91 -3.70 11.12
C THR B 98 21.16 -3.31 11.90
N ALA B 99 22.28 -3.11 11.21
CA ALA B 99 23.45 -2.56 11.88
C ALA B 99 23.16 -1.19 12.45
N GLN B 100 22.35 -0.39 11.74
CA GLN B 100 22.00 0.92 12.28
C GLN B 100 21.14 0.80 13.53
N ILE B 101 20.23 -0.18 13.58
CA ILE B 101 19.52 -0.43 14.82
C ILE B 101 20.49 -0.70 15.95
N LEU B 102 21.50 -1.55 15.68
CA LEU B 102 22.44 -1.88 16.74
C LEU B 102 23.24 -0.66 17.17
N ASN B 103 23.54 0.23 16.22
CA ASN B 103 24.24 1.48 16.57
C ASN B 103 23.36 2.41 17.39
N TRP B 104 22.07 2.50 17.06
CA TRP B 104 21.17 3.30 17.88
C TRP B 104 21.11 2.74 19.31
N ILE B 105 21.02 1.42 19.44
CA ILE B 105 21.01 0.81 20.77
C ILE B 105 22.25 1.21 21.54
N LYS B 106 23.40 1.12 20.89
CA LYS B 106 24.66 1.47 21.56
CA LYS B 106 24.66 1.48 21.54
C LYS B 106 24.65 2.92 22.03
N GLN B 107 24.12 3.84 21.21
CA GLN B 107 24.15 5.26 21.58
C GLN B 107 23.12 5.58 22.65
N GLU B 108 21.90 5.04 22.52
CA GLU B 108 20.78 5.45 23.36
C GLU B 108 20.63 4.62 24.62
N ILE B 109 20.99 3.33 24.57
CA ILE B 109 20.79 2.42 25.68
C ILE B 109 22.11 1.94 26.25
N ASN B 110 23.08 1.64 25.39
CA ASN B 110 24.43 1.26 25.80
C ASN B 110 24.42 0.06 26.76
N LEU B 111 23.76 -1.01 26.32
CA LEU B 111 23.73 -2.31 26.98
C LEU B 111 23.88 -3.40 25.93
N PRO B 112 24.42 -4.56 26.32
CA PRO B 112 24.60 -5.64 25.34
C PRO B 112 23.26 -6.14 24.82
N VAL B 113 23.23 -6.46 23.53
CA VAL B 113 22.05 -7.06 22.90
C VAL B 113 22.17 -8.57 23.03
N ALA B 114 21.32 -9.17 23.88
CA ALA B 114 21.48 -10.58 24.21
C ALA B 114 20.93 -11.49 23.14
N LEU B 115 19.82 -11.11 22.52
CA LEU B 115 19.15 -12.03 21.62
C LEU B 115 18.16 -11.25 20.78
N ALA B 116 17.77 -11.87 19.69
CA ALA B 116 16.68 -11.37 18.86
C ALA B 116 15.74 -12.51 18.52
N VAL B 117 14.45 -12.20 18.48
CA VAL B 117 13.42 -13.13 17.99
CA VAL B 117 13.42 -13.12 17.99
C VAL B 117 12.84 -12.51 16.73
N VAL B 118 12.71 -13.31 15.68
CA VAL B 118 12.19 -12.81 14.41
C VAL B 118 10.90 -13.53 14.11
N THR B 119 9.90 -12.80 13.58
CA THR B 119 8.54 -13.29 13.69
C THR B 119 8.01 -14.03 12.47
N HIS B 120 8.70 -14.00 11.34
CA HIS B 120 8.50 -15.01 10.29
C HIS B 120 9.54 -14.77 9.19
N ALA B 121 9.61 -15.70 8.24
CA ALA B 121 10.65 -15.70 7.22
C ALA B 121 10.21 -14.90 5.99
N HIS B 122 10.23 -13.57 6.14
CA HIS B 122 10.09 -12.61 5.04
C HIS B 122 11.07 -11.47 5.30
N GLN B 123 11.36 -10.71 4.25
CA GLN B 123 12.45 -9.73 4.30
C GLN B 123 12.23 -8.65 5.35
N ASP B 124 10.99 -8.19 5.52
CA ASP B 124 10.78 -7.14 6.49
C ASP B 124 11.10 -7.56 7.92
N LYS B 125 11.04 -8.87 8.22
CA LYS B 125 11.28 -9.34 9.59
C LYS B 125 12.63 -10.03 9.76
N MET B 126 13.18 -10.58 8.68
CA MET B 126 14.41 -11.36 8.68
C MET B 126 15.49 -10.89 7.72
N GLY B 127 15.32 -9.77 7.04
CA GLY B 127 16.30 -9.35 6.04
C GLY B 127 17.68 -9.05 6.61
N GLY B 128 17.79 -8.78 7.91
CA GLY B 128 19.05 -8.36 8.51
C GLY B 128 19.72 -9.38 9.41
N MET B 129 19.38 -10.66 9.25
CA MET B 129 19.98 -11.69 10.12
C MET B 129 21.50 -11.67 10.13
N ASP B 130 22.14 -11.51 8.96
CA ASP B 130 23.60 -11.57 8.92
C ASP B 130 24.22 -10.52 9.84
N ALA B 131 23.58 -9.33 9.92
CA ALA B 131 24.13 -8.27 10.77
C ALA B 131 24.02 -8.63 12.24
N LEU B 132 22.93 -9.29 12.64
CA LEU B 132 22.83 -9.74 14.02
C LEU B 132 23.90 -10.79 14.31
N HIS B 133 24.07 -11.74 13.39
CA HIS B 133 25.03 -12.82 13.62
C HIS B 133 26.45 -12.29 13.71
N ALA B 134 26.80 -11.33 12.84
CA ALA B 134 28.13 -10.76 12.85
C ALA B 134 28.42 -10.04 14.15
N ALA B 135 27.39 -9.47 14.79
CA ALA B 135 27.52 -8.78 16.06
C ALA B 135 27.54 -9.72 17.24
N GLY B 136 27.47 -11.04 17.02
CA GLY B 136 27.47 -11.97 18.12
C GLY B 136 26.15 -12.12 18.85
N ILE B 137 25.04 -11.75 18.23
CA ILE B 137 23.73 -11.81 18.89
C ILE B 137 23.09 -13.16 18.58
N ALA B 138 22.60 -13.84 19.61
CA ALA B 138 21.91 -15.11 19.43
C ALA B 138 20.52 -14.87 18.85
N THR B 139 20.14 -15.65 17.86
CA THR B 139 18.89 -15.42 17.14
C THR B 139 17.96 -16.62 17.25
N TYR B 140 16.66 -16.32 17.36
CA TYR B 140 15.61 -17.31 17.55
C TYR B 140 14.47 -17.05 16.56
N ALA B 141 13.94 -18.14 16.00
CA ALA B 141 12.76 -18.05 15.16
C ALA B 141 12.01 -19.36 15.29
N ASN B 142 10.73 -19.33 14.94
CA ASN B 142 9.96 -20.57 14.80
C ASN B 142 10.75 -21.56 13.94
N ALA B 143 10.79 -22.83 14.38
CA ALA B 143 11.46 -23.85 13.57
C ALA B 143 10.99 -23.82 12.13
N LEU B 144 9.68 -23.59 11.92
CA LEU B 144 9.18 -23.54 10.55
C LEU B 144 9.74 -22.35 9.79
N SER B 145 9.93 -21.21 10.49
CA SER B 145 10.58 -20.07 9.85
C SER B 145 11.98 -20.43 9.39
N ASN B 146 12.72 -21.14 10.23
CA ASN B 146 14.07 -21.54 9.84
C ASN B 146 14.05 -22.51 8.67
N GLN B 147 13.05 -23.40 8.62
CA GLN B 147 12.97 -24.34 7.50
C GLN B 147 12.58 -23.63 6.21
N LEU B 148 11.70 -22.63 6.29
CA LEU B 148 11.30 -21.86 5.11
C LEU B 148 12.33 -20.83 4.71
N ALA B 149 13.22 -20.43 5.62
CA ALA B 149 14.10 -19.29 5.40
C ALA B 149 14.82 -19.33 4.06
N PRO B 150 15.58 -20.39 3.73
CA PRO B 150 16.28 -20.38 2.43
C PRO B 150 15.33 -20.21 1.26
N GLN B 151 14.17 -20.88 1.31
CA GLN B 151 13.22 -20.80 0.22
C GLN B 151 12.68 -19.38 0.07
N GLU B 152 12.64 -18.63 1.16
CA GLU B 152 12.16 -17.25 1.19
C GLU B 152 13.30 -16.24 1.03
N GLY B 153 14.52 -16.67 0.74
CA GLY B 153 15.61 -15.73 0.56
C GLY B 153 16.24 -15.21 1.84
N MET B 154 15.94 -15.84 2.98
CA MET B 154 16.43 -15.43 4.27
C MET B 154 17.49 -16.35 4.84
N VAL B 155 18.34 -15.76 5.67
CA VAL B 155 19.27 -16.52 6.50
C VAL B 155 18.49 -17.02 7.73
N ALA B 156 18.60 -18.32 8.00
CA ALA B 156 17.90 -18.87 9.17
C ALA B 156 18.47 -18.31 10.49
N ALA B 157 17.62 -18.26 11.51
CA ALA B 157 18.11 -17.99 12.85
C ALA B 157 18.96 -19.16 13.35
N GLN B 158 19.74 -18.88 14.38
CA GLN B 158 20.67 -19.89 14.87
C GLN B 158 19.95 -20.94 15.70
N HIS B 159 18.80 -20.60 16.26
CA HIS B 159 18.05 -21.48 17.15
C HIS B 159 16.59 -21.49 16.74
N SER B 160 15.94 -22.62 16.99
CA SER B 160 14.54 -22.81 16.62
C SER B 160 13.67 -22.87 17.87
N LEU B 161 12.60 -22.10 17.84
CA LEU B 161 11.53 -22.20 18.82
C LEU B 161 10.51 -23.22 18.35
N THR B 162 10.00 -24.00 19.30
CA THR B 162 8.87 -24.86 19.00
C THR B 162 7.73 -24.53 19.95
N PHE B 163 6.54 -25.03 19.63
CA PHE B 163 5.31 -24.56 20.22
C PHE B 163 4.43 -25.73 20.62
N ALA B 164 3.75 -25.56 21.75
CA ALA B 164 2.70 -26.48 22.13
C ALA B 164 1.49 -26.34 21.19
N ALA B 165 0.59 -27.32 21.27
CA ALA B 165 -0.65 -27.27 20.50
C ALA B 165 -1.50 -26.06 20.85
N ASN B 166 -1.36 -25.52 22.06
CA ASN B 166 -2.10 -24.32 22.43
C ASN B 166 -1.42 -23.04 21.96
N GLY B 167 -0.29 -23.13 21.25
CA GLY B 167 0.37 -21.97 20.70
C GLY B 167 1.54 -21.42 21.53
N TRP B 168 1.64 -21.75 22.81
CA TRP B 168 2.69 -21.18 23.64
C TRP B 168 4.04 -21.84 23.35
N VAL B 169 5.10 -21.02 23.36
CA VAL B 169 6.43 -21.55 23.10
C VAL B 169 6.78 -22.60 24.14
N GLU B 170 7.45 -23.64 23.71
CA GLU B 170 8.00 -24.65 24.60
C GLU B 170 9.14 -24.02 25.39
N PRO B 171 9.06 -23.97 26.72
CA PRO B 171 9.98 -23.10 27.48
C PRO B 171 11.45 -23.42 27.31
N ALA B 172 11.81 -24.70 27.17
CA ALA B 172 13.21 -25.02 27.04
C ALA B 172 13.80 -24.52 25.71
N THR B 173 12.97 -24.19 24.73
CA THR B 173 13.49 -23.65 23.47
C THR B 173 13.69 -22.15 23.51
N ALA B 174 13.21 -21.47 24.56
CA ALA B 174 13.30 -20.01 24.67
C ALA B 174 13.92 -19.63 26.01
N PRO B 175 15.17 -20.03 26.26
CA PRO B 175 15.78 -19.76 27.57
C PRO B 175 16.14 -18.29 27.71
N ASN B 176 16.03 -17.79 28.94
CA ASN B 176 16.50 -16.44 29.27
C ASN B 176 15.81 -15.36 28.43
N PHE B 177 14.50 -15.51 28.22
CA PHE B 177 13.74 -14.57 27.39
C PHE B 177 13.19 -13.39 28.19
N GLY B 178 13.50 -13.28 29.47
CA GLY B 178 13.08 -12.11 30.21
C GLY B 178 11.58 -11.96 30.20
N PRO B 179 11.08 -10.77 29.85
CA PRO B 179 9.63 -10.54 29.84
C PRO B 179 8.94 -10.95 28.55
N LEU B 180 9.68 -11.46 27.56
CA LEU B 180 9.07 -11.80 26.29
C LEU B 180 8.25 -13.07 26.41
N LYS B 181 7.00 -13.01 25.96
CA LYS B 181 6.08 -14.15 25.92
CA LYS B 181 6.08 -14.16 25.93
C LYS B 181 5.78 -14.45 24.46
N VAL B 182 6.30 -15.55 23.96
CA VAL B 182 6.24 -15.85 22.53
C VAL B 182 5.09 -16.81 22.27
N PHE B 183 4.24 -16.46 21.29
CA PHE B 183 3.01 -17.20 21.04
C PHE B 183 2.85 -17.43 19.53
N TYR B 184 2.61 -18.69 19.14
CA TYR B 184 2.32 -19.00 17.74
C TYR B 184 0.81 -19.08 17.60
N PRO B 185 0.16 -18.15 16.89
CA PRO B 185 -1.31 -18.12 16.90
C PRO B 185 -1.97 -19.03 15.88
N GLY B 186 -1.17 -19.66 15.01
CA GLY B 186 -1.70 -20.45 13.91
C GLY B 186 -1.41 -19.73 12.60
N PRO B 187 -1.61 -20.43 11.48
CA PRO B 187 -1.33 -19.82 10.17
C PRO B 187 -2.24 -18.64 9.89
N GLY B 188 -1.66 -17.62 9.26
CA GLY B 188 -2.43 -16.44 8.93
C GLY B 188 -1.77 -15.68 7.80
N HIS B 189 -1.01 -14.64 8.14
CA HIS B 189 -0.23 -13.95 7.13
C HIS B 189 0.74 -14.92 6.45
N THR B 190 1.40 -15.78 7.23
CA THR B 190 2.13 -16.92 6.72
C THR B 190 1.84 -18.10 7.64
N SER B 191 2.31 -19.28 7.26
CA SER B 191 2.12 -20.45 8.12
CA SER B 191 2.13 -20.44 8.12
C SER B 191 3.02 -20.41 9.35
N ASP B 192 4.11 -19.63 9.32
CA ASP B 192 5.11 -19.63 10.38
C ASP B 192 5.00 -18.41 11.30
N ASN B 193 4.09 -17.47 11.05
CA ASN B 193 4.08 -16.23 11.79
C ASN B 193 3.94 -16.45 13.30
N ILE B 194 4.77 -15.76 14.10
CA ILE B 194 4.65 -15.78 15.56
C ILE B 194 4.46 -14.35 16.08
N THR B 195 4.10 -14.27 17.36
CA THR B 195 3.75 -13.01 18.00
C THR B 195 4.40 -12.96 19.37
N VAL B 196 4.49 -11.75 19.94
CA VAL B 196 5.28 -11.56 21.16
C VAL B 196 4.58 -10.57 22.06
N GLY B 197 4.37 -10.94 23.31
CA GLY B 197 3.88 -10.00 24.31
C GLY B 197 5.00 -9.62 25.26
N ILE B 198 4.89 -8.46 25.90
CA ILE B 198 5.92 -8.05 26.85
C ILE B 198 5.28 -8.03 28.24
N ASP B 199 5.61 -9.03 29.05
CA ASP B 199 5.05 -9.13 30.40
C ASP B 199 5.37 -7.87 31.18
N GLY B 200 4.42 -7.40 31.98
CA GLY B 200 4.65 -6.22 32.79
C GLY B 200 4.41 -4.92 32.06
N THR B 201 3.96 -4.96 30.83
CA THR B 201 3.65 -3.79 30.04
C THR B 201 2.25 -3.95 29.46
N ASP B 202 1.82 -2.91 28.75
CA ASP B 202 0.56 -2.94 28.03
C ASP B 202 0.71 -3.39 26.57
N ILE B 203 1.86 -3.94 26.19
CA ILE B 203 2.22 -4.09 24.78
C ILE B 203 2.16 -5.55 24.34
N ALA B 204 1.55 -5.77 23.17
CA ALA B 204 1.71 -7.04 22.44
C ALA B 204 1.98 -6.74 20.98
N PHE B 205 2.81 -7.57 20.35
CA PHE B 205 3.28 -7.35 18.99
C PHE B 205 2.72 -8.43 18.07
N GLY B 206 1.95 -8.01 17.08
CA GLY B 206 1.34 -8.91 16.12
C GLY B 206 2.11 -9.09 14.84
N GLY B 207 3.21 -8.37 14.66
CA GLY B 207 3.93 -8.51 13.40
C GLY B 207 3.05 -8.21 12.20
N CYS B 208 3.24 -8.98 11.12
CA CYS B 208 2.45 -8.74 9.91
C CYS B 208 1.08 -9.41 9.95
N LEU B 209 0.79 -10.19 10.98
CA LEU B 209 -0.51 -10.83 11.09
C LEU B 209 -1.62 -9.81 11.32
N ILE B 210 -1.35 -8.81 12.18
CA ILE B 210 -2.37 -7.85 12.59
C ILE B 210 -2.22 -6.58 11.77
N LYS B 211 -3.34 -6.07 11.23
CA LYS B 211 -3.39 -4.78 10.55
C LYS B 211 -4.15 -3.78 11.41
N ASP B 212 -4.04 -2.50 11.08
CA ASP B 212 -4.64 -1.57 12.03
C ASP B 212 -6.15 -1.46 11.83
N SER B 213 -6.78 -0.81 12.81
CA SER B 213 -8.23 -0.83 12.90
C SER B 213 -8.90 -0.08 11.77
N LYS B 214 -8.15 0.73 11.01
CA LYS B 214 -8.66 1.43 9.85
C LYS B 214 -8.19 0.83 8.53
N ALA B 215 -7.53 -0.32 8.56
CA ALA B 215 -6.93 -0.87 7.35
C ALA B 215 -8.01 -1.31 6.38
N LYS B 216 -7.71 -1.19 5.07
CA LYS B 216 -8.63 -1.61 4.02
C LYS B 216 -8.36 -3.01 3.51
N SER B 217 -7.19 -3.56 3.79
CA SER B 217 -6.87 -4.89 3.31
C SER B 217 -5.94 -5.54 4.32
N LEU B 218 -5.72 -6.83 4.10
CA LEU B 218 -4.83 -7.62 4.92
C LEU B 218 -3.41 -7.66 4.38
N GLY B 219 -3.06 -6.78 3.45
CA GLY B 219 -1.68 -6.75 2.97
C GLY B 219 -1.41 -7.89 1.99
N ASN B 220 -0.17 -8.37 1.99
CA ASN B 220 0.22 -9.39 1.01
C ASN B 220 -0.33 -10.72 1.52
N LEU B 221 -1.29 -11.28 0.80
CA LEU B 221 -1.85 -12.59 1.12
C LEU B 221 -1.23 -13.72 0.29
N GLY B 222 -0.13 -13.44 -0.41
CA GLY B 222 0.44 -14.42 -1.31
C GLY B 222 0.91 -15.69 -0.62
N ASP B 223 1.37 -15.59 0.62
CA ASP B 223 1.82 -16.73 1.41
C ASP B 223 0.86 -17.04 2.54
N ALA B 224 -0.35 -16.49 2.50
CA ALA B 224 -1.28 -16.53 3.63
C ALA B 224 -2.17 -17.77 3.60
N ASP B 225 -2.72 -18.07 4.76
CA ASP B 225 -3.68 -19.14 4.95
C ASP B 225 -5.03 -18.47 5.15
N THR B 226 -5.80 -18.34 4.08
CA THR B 226 -7.04 -17.58 4.19
C THR B 226 -8.12 -18.33 4.98
N GLU B 227 -8.03 -19.66 5.06
CA GLU B 227 -9.02 -20.39 5.84
C GLU B 227 -8.86 -20.14 7.34
N HIS B 228 -7.61 -20.10 7.82
CA HIS B 228 -7.35 -20.08 9.26
C HIS B 228 -6.99 -18.70 9.79
N TYR B 229 -6.85 -17.70 8.91
CA TYR B 229 -6.39 -16.37 9.30
C TYR B 229 -7.22 -15.81 10.46
N ALA B 230 -8.55 -15.85 10.34
CA ALA B 230 -9.39 -15.19 11.32
C ALA B 230 -9.21 -15.82 12.70
N ALA B 231 -9.17 -17.15 12.77
CA ALA B 231 -8.97 -17.81 14.05
C ALA B 231 -7.59 -17.46 14.62
N SER B 232 -6.59 -17.33 13.76
CA SER B 232 -5.26 -17.00 14.24
C SER B 232 -5.21 -15.60 14.83
N ALA B 233 -5.85 -14.64 14.16
CA ALA B 233 -5.93 -13.31 14.72
C ALA B 233 -6.65 -13.31 16.07
N ARG B 234 -7.77 -14.03 16.16
CA ARG B 234 -8.48 -14.08 17.46
C ARG B 234 -7.63 -14.79 18.51
N ALA B 235 -6.87 -15.81 18.12
CA ALA B 235 -6.03 -16.53 19.07
C ALA B 235 -4.95 -15.61 19.63
N PHE B 236 -4.36 -14.76 18.79
CA PHE B 236 -3.42 -13.75 19.28
C PHE B 236 -4.08 -12.86 20.32
N GLY B 237 -5.29 -12.36 20.03
CA GLY B 237 -5.98 -11.54 21.02
C GLY B 237 -6.23 -12.26 22.33
N ALA B 238 -6.61 -13.54 22.25
CA ALA B 238 -6.89 -14.31 23.46
C ALA B 238 -5.63 -14.69 24.23
N ALA B 239 -4.49 -14.82 23.54
CA ALA B 239 -3.22 -15.10 24.22
C ALA B 239 -2.72 -13.90 25.00
N PHE B 240 -3.03 -12.70 24.54
CA PHE B 240 -2.58 -11.45 25.16
C PHE B 240 -3.81 -10.62 25.51
N PRO B 241 -4.64 -11.10 26.44
CA PRO B 241 -5.94 -10.45 26.66
C PRO B 241 -5.82 -9.08 27.29
N LYS B 242 -4.76 -8.83 28.04
CA LYS B 242 -4.59 -7.57 28.77
C LYS B 242 -4.09 -6.43 27.90
N ALA B 243 -3.29 -6.73 26.90
CA ALA B 243 -2.59 -5.68 26.19
C ALA B 243 -3.52 -4.67 25.55
N SER B 244 -3.26 -3.40 25.79
CA SER B 244 -4.04 -2.32 25.20
C SER B 244 -3.32 -1.63 24.06
N MET B 245 -2.01 -1.84 23.95
CA MET B 245 -1.21 -1.26 22.89
C MET B 245 -0.78 -2.40 21.97
N ILE B 246 -1.38 -2.44 20.78
CA ILE B 246 -1.11 -3.50 19.81
C ILE B 246 -0.16 -2.94 18.76
N VAL B 247 1.04 -3.47 18.73
CA VAL B 247 2.10 -3.00 17.83
C VAL B 247 2.11 -3.93 16.63
N MET B 248 2.34 -3.37 15.44
CA MET B 248 2.28 -4.24 14.27
C MET B 248 3.32 -3.77 13.26
N SER B 249 3.51 -4.55 12.19
CA SER B 249 4.61 -4.27 11.29
C SER B 249 4.45 -3.00 10.47
N HIS B 250 3.23 -2.61 10.06
CA HIS B 250 3.12 -1.57 9.05
C HIS B 250 2.16 -0.45 9.41
N SER B 251 1.83 -0.28 10.68
CA SER B 251 1.00 0.82 11.13
C SER B 251 1.51 1.22 12.50
N ALA B 252 1.15 2.42 12.94
CA ALA B 252 1.47 2.87 14.29
C ALA B 252 0.74 2.02 15.31
N PRO B 253 1.23 1.98 16.55
CA PRO B 253 0.55 1.19 17.57
C PRO B 253 -0.92 1.60 17.69
N ASP B 254 -1.78 0.61 17.86
CA ASP B 254 -3.23 0.82 17.84
C ASP B 254 -3.85 0.20 19.09
N SER B 255 -5.17 0.38 19.21
CA SER B 255 -5.94 -0.26 20.26
C SER B 255 -6.26 -1.70 19.87
N ARG B 256 -6.94 -2.42 20.76
CA ARG B 256 -7.35 -3.77 20.45
C ARG B 256 -8.33 -3.83 19.29
N ALA B 257 -8.92 -2.69 18.89
CA ALA B 257 -9.75 -2.68 17.68
C ALA B 257 -8.99 -3.21 16.47
N ALA B 258 -7.66 -3.10 16.47
CA ALA B 258 -6.88 -3.68 15.37
C ALA B 258 -7.06 -5.19 15.31
N ILE B 259 -7.16 -5.86 16.47
CA ILE B 259 -7.34 -7.31 16.46
C ILE B 259 -8.71 -7.66 15.92
N THR B 260 -9.74 -7.00 16.44
CA THR B 260 -11.11 -7.27 16.02
CA THR B 260 -11.09 -7.30 16.01
C THR B 260 -11.30 -6.98 14.54
N HIS B 261 -10.75 -5.86 14.07
CA HIS B 261 -10.90 -5.50 12.67
C HIS B 261 -10.15 -6.48 11.77
N THR B 262 -8.94 -6.88 12.17
CA THR B 262 -8.22 -7.86 11.38
C THR B 262 -9.02 -9.14 11.27
N ALA B 263 -9.55 -9.63 12.38
CA ALA B 263 -10.32 -10.87 12.38
C ALA B 263 -11.57 -10.76 11.51
N ARG B 264 -12.27 -9.62 11.57
CA ARG B 264 -13.47 -9.48 10.76
C ARG B 264 -13.16 -9.36 9.27
N MET B 265 -12.07 -8.66 8.91
CA MET B 265 -11.60 -8.70 7.52
C MET B 265 -11.29 -10.14 7.11
N ALA B 266 -10.63 -10.91 8.00
CA ALA B 266 -10.25 -12.26 7.64
C ALA B 266 -11.45 -13.19 7.55
N ASP B 267 -12.50 -12.91 8.34
CA ASP B 267 -13.74 -13.68 8.22
C ASP B 267 -14.27 -13.68 6.79
N LYS B 268 -14.06 -12.58 6.06
CA LYS B 268 -14.58 -12.46 4.70
C LYS B 268 -13.78 -13.28 3.69
N LEU B 269 -12.61 -13.80 4.09
CA LEU B 269 -11.80 -14.63 3.19
C LEU B 269 -12.28 -16.09 3.13
N ARG B 270 -13.12 -16.54 4.06
CA ARG B 270 -13.56 -17.94 4.04
C ARG B 270 -15.03 -18.09 3.67
ZN ZN C . 1.95 8.33 -11.33
ZN ZN D . -1.06 5.67 -9.33
O1 JXF E . 5.70 1.65 -11.17
O2 JXF E . -0.81 6.64 -7.34
O3 JXF E . 0.52 7.06 -5.62
O JXF E . 2.81 3.25 -12.52
O4 JXF E . 5.06 5.82 -9.82
O5 JXF E . 3.22 6.97 -9.39
N JXF E . 3.82 3.59 -10.54
C JXF E . 3.73 3.01 -11.75
C1 JXF E . 4.79 2.03 -12.18
C10 JXF E . 1.29 5.57 -7.28
C11 JXF E . 0.24 6.50 -6.69
C12 JXF E . 1.35 4.21 -6.60
C13 JXF E . 0.02 3.45 -6.54
C14 JXF E . 1.99 4.30 -5.22
C15 JXF E . 3.82 5.94 -9.73
C2 JXF E . 5.27 0.76 -10.23
C3 JXF E . 6.12 0.17 -9.30
C4 JXF E . 5.57 -0.43 -8.18
C5 JXF E . 4.21 -0.45 -8.01
C6 JXF E . 3.38 0.05 -8.98
C7 JXF E . 3.89 0.65 -10.11
C8 JXF E . 2.98 4.73 -10.21
C9 JXF E . 1.83 4.26 -9.21
N1 JXF E . 1.03 5.36 -8.70
S JXF E . 2.50 3.35 -7.76
H10 JXF E . 4.38 3.32 -9.91
H4 JXF E . 4.35 1.21 -12.50
H3 JXF E . 5.30 2.43 -12.91
H2 JXF E . 2.15 6.01 -7.19
H12 JXF E . 0.14 2.61 -6.05
H14 JXF E . -0.30 3.25 -7.43
H13 JXF E . -0.65 4.00 -6.07
H15 JXF E . 2.09 3.41 -4.83
H16 JXF E . 1.43 4.85 -4.63
H17 JXF E . 2.88 4.71 -5.29
H5 JXF E . 7.09 0.19 -9.44
H6 JXF E . 6.16 -0.84 -7.52
H7 JXF E . 3.84 -0.82 -7.19
H8 JXF E . 2.40 -0.01 -8.88
H9 JXF E . 3.30 0.99 -10.81
H JXF E . 2.45 5.10 -10.96
H1 JXF E . 1.34 3.57 -9.70
H11 JXF E . 1.08 6.10 -9.21
ZN ZN F . 5.43 -11.54 5.58
ZN ZN G . 4.94 -7.17 6.52
O1 JXF H . 8.74 -7.92 -0.34
O2 JXF H . 2.78 -7.25 6.06
O3 JXF H . 1.19 -7.41 4.52
O JXF H . 9.19 -8.66 3.11
O4 JXF H . 5.53 -10.59 1.45
O5 JXF H . 4.56 -10.34 3.42
N JXF H . 7.34 -8.71 1.85
C JXF H . 8.65 -8.55 2.02
C1 JXF H . 9.51 -8.22 0.81
C10 JXF H . 3.47 -7.44 3.82
C11 JXF H . 2.39 -7.34 4.88
C12 JXF H . 3.62 -6.16 2.96
C13 JXF H . 3.90 -4.90 3.79
C14 JXF H . 2.48 -5.92 1.99
C15 JXF H . 5.41 -10.04 2.57
C2 JXF H . 8.51 -6.60 -0.68
C3 JXF H . 8.48 -6.30 -2.04
C4 JXF H . 8.13 -5.02 -2.44
C5 JXF H . 7.83 -4.05 -1.51
C6 JXF H . 7.88 -4.35 -0.16
C7 JXF H . 8.23 -5.63 0.26
C8 JXF H . 6.45 -8.97 2.97
C9 JXF H . 5.81 -7.58 3.42
N1 JXF H . 4.77 -7.73 4.41
S JXF H . 5.13 -6.63 2.00
H10 JXF H . 6.95 -8.66 1.05
H4 JXF H . 10.06 -7.45 1.01
H3 JXF H . 10.06 -9.00 0.61
H2 JXF H . 3.22 -8.19 3.25
H12 JXF H . 3.99 -4.13 3.20
H14 JXF H . 4.72 -5.02 4.30
H13 JXF H . 3.16 -4.74 4.40
H15 JXF H . 2.68 -5.15 1.41
H16 JXF H . 1.65 -5.74 2.47
H17 JXF H . 2.34 -6.71 1.42
H5 JXF H . 8.69 -6.99 -2.70
H6 JXF H . 8.10 -4.81 -3.40
H7 JXF H . 7.58 -3.15 -1.79
H8 JXF H . 7.68 -3.67 0.51
H9 JXF H . 8.28 -5.83 1.22
H JXF H . 6.88 -9.32 3.78
H1 JXF H . 6.59 -7.03 3.70
H11 JXF H . 4.82 -8.49 4.87
K K I . 6.87 -17.14 -0.13
#